data_3TUR
#
_entry.id   3TUR
#
_cell.length_a   119.132
_cell.length_b   120.829
_cell.length_c   122.847
_cell.angle_alpha   90.000
_cell.angle_beta   90.000
_cell.angle_gamma   90.000
#
_symmetry.space_group_name_H-M   'I 21 21 21'
#
loop_
_entity.id
_entity.type
_entity.pdbx_description
1 polymer 'Mycobacteria Tuberculosis LD-transpeptidase type 2'
2 non-polymer Di-mu-iodobis(ethylenediamine)diplatinum(II)
3 non-polymer 'D-GLUTAMIC ACID'
4 non-polymer 6-CARBOXYLYSINE
5 non-polymer 'PLATINUM (II) ION'
6 water water
#
_entity_poly.entity_id   1
_entity_poly.type   'polypeptide(L)'
_entity_poly.pdbx_seq_one_letter_code
;RRYTLNATALGLGGAATRQLTFQTSSPAHLTMPYVMPGDGEVVGVGEPVAIRFDENIADRGAAEKAIKITTNPPVEGAFY
WLNNREVRWRPEHFWKPGTAVDVAVNTYGVDLGEGMFGEDNVQTHFTIGDEVIATADDNTKILTVRVNGEVVKSMPTSMG
KDSTPTANGIYIVGSRYKHIIMDSSTYGVPVNSPNGYRTDVDWATQISYSGVFVHSAPWSVGAQGHTNTSHGCLNVSPSN
AQWFYDHVKRGDIVEVVNTVGGTLPGIDGLGDWNIPWDQWRAGNAKA
;
_entity_poly.pdbx_strand_id   A,B
#
# COMPACT_ATOMS: atom_id res chain seq x y z
N HIS A 29 43.45 9.70 -19.37
CA HIS A 29 43.84 10.79 -18.45
C HIS A 29 43.06 12.11 -18.60
N LEU A 30 41.99 12.10 -19.40
CA LEU A 30 41.12 13.28 -19.55
C LEU A 30 39.79 13.06 -18.79
N THR A 31 39.24 14.13 -18.22
CA THR A 31 37.91 14.11 -17.56
C THR A 31 36.94 15.00 -18.33
N MET A 32 35.71 14.54 -18.57
CA MET A 32 34.64 15.32 -19.20
C MET A 32 33.77 15.93 -18.08
N PRO A 33 33.54 17.26 -18.13
CA PRO A 33 32.53 17.92 -17.30
C PRO A 33 31.16 17.88 -17.91
N TYR A 34 30.13 17.91 -17.05
CA TYR A 34 28.74 17.93 -17.45
C TYR A 34 28.07 18.92 -16.57
N VAL A 35 27.31 19.83 -17.17
CA VAL A 35 26.64 20.85 -16.37
C VAL A 35 25.08 20.77 -16.43
N MET A 36 24.43 21.02 -15.31
N MET A 36 24.45 20.98 -15.28
CA MET A 36 23.00 21.17 -15.30
CA MET A 36 23.00 21.17 -15.13
C MET A 36 22.73 22.44 -14.48
C MET A 36 22.75 22.50 -14.46
N PRO A 37 21.58 23.11 -14.68
CA PRO A 37 20.53 22.71 -15.64
C PRO A 37 20.93 22.75 -17.10
N GLY A 38 20.07 22.19 -17.93
CA GLY A 38 20.31 22.23 -19.34
C GLY A 38 20.24 23.64 -19.97
N ASP A 39 20.84 23.72 -21.16
CA ASP A 39 21.06 25.06 -21.83
C ASP A 39 19.68 25.50 -22.29
N GLY A 40 19.29 26.68 -21.83
CA GLY A 40 17.97 27.26 -22.13
C GLY A 40 16.82 26.87 -21.22
N GLU A 41 17.06 25.95 -20.26
CA GLU A 41 15.97 25.55 -19.38
C GLU A 41 15.47 26.70 -18.51
N VAL A 42 14.18 26.67 -18.19
CA VAL A 42 13.55 27.50 -17.20
C VAL A 42 13.35 26.60 -15.96
N VAL A 43 13.92 27.07 -14.86
CA VAL A 43 13.93 26.20 -13.62
C VAL A 43 13.40 27.01 -12.46
N GLY A 44 13.07 26.30 -11.35
CA GLY A 44 12.54 27.02 -10.20
C GLY A 44 13.60 27.65 -9.34
N VAL A 45 13.09 28.29 -8.29
CA VAL A 45 14.00 29.20 -7.50
C VAL A 45 14.96 28.45 -6.59
N GLY A 46 14.83 27.11 -6.50
CA GLY A 46 15.75 26.31 -5.72
C GLY A 46 16.81 25.59 -6.50
N GLU A 47 16.83 25.73 -7.85
CA GLU A 47 17.75 24.88 -8.67
C GLU A 47 19.25 25.30 -8.53
N PRO A 48 20.12 24.41 -8.08
CA PRO A 48 21.53 24.83 -8.00
C PRO A 48 22.14 24.67 -9.37
N VAL A 49 23.26 25.35 -9.58
CA VAL A 49 24.18 24.90 -10.62
C VAL A 49 24.89 23.65 -10.23
N ALA A 50 24.89 22.66 -11.13
CA ALA A 50 25.60 21.44 -10.84
C ALA A 50 26.62 21.18 -11.89
N ILE A 51 27.85 20.88 -11.49
CA ILE A 51 28.88 20.40 -12.41
C ILE A 51 29.36 19.04 -11.98
N ARG A 52 29.15 18.06 -12.83
CA ARG A 52 29.59 16.67 -12.59
C ARG A 52 30.75 16.29 -13.54
N PHE A 53 31.65 15.45 -13.05
CA PHE A 53 32.79 15.04 -13.89
C PHE A 53 32.74 13.56 -13.92
N ASP A 54 33.21 12.95 -15.03
CA ASP A 54 33.22 11.50 -15.17
C ASP A 54 34.36 10.80 -14.45
N GLU A 55 35.27 11.56 -13.84
CA GLU A 55 36.33 11.02 -12.97
C GLU A 55 36.34 11.73 -11.64
N ASN A 56 36.79 11.06 -10.57
CA ASN A 56 37.06 11.76 -9.28
C ASN A 56 38.00 12.90 -9.48
N ILE A 57 37.67 14.03 -8.91
CA ILE A 57 38.51 15.23 -8.95
C ILE A 57 39.48 15.26 -7.75
N ALA A 58 40.78 15.09 -8.02
CA ALA A 58 41.82 15.30 -6.98
C ALA A 58 42.09 16.73 -6.48
N ASP A 59 41.94 17.77 -7.30
CA ASP A 59 42.17 19.11 -6.85
C ASP A 59 40.90 19.93 -6.99
N ARG A 60 40.03 19.86 -5.98
CA ARG A 60 38.77 20.62 -6.03
C ARG A 60 39.00 22.10 -6.24
N GLY A 61 40.07 22.65 -5.66
CA GLY A 61 40.34 24.09 -5.84
C GLY A 61 40.56 24.48 -7.31
N ALA A 62 41.35 23.70 -8.03
CA ALA A 62 41.52 23.92 -9.45
C ALA A 62 40.16 23.86 -10.18
N ALA A 63 39.31 22.87 -9.83
CA ALA A 63 37.98 22.79 -10.50
C ALA A 63 37.17 24.00 -10.26
N GLU A 64 37.04 24.46 -9.01
CA GLU A 64 36.30 25.67 -8.72
C GLU A 64 36.77 26.93 -9.49
N LYS A 65 38.09 27.10 -9.54
CA LYS A 65 38.73 28.21 -10.28
C LYS A 65 38.40 28.18 -11.79
N ALA A 66 38.26 26.98 -12.35
CA ALA A 66 37.88 26.83 -13.79
C ALA A 66 36.38 27.12 -14.09
N ILE A 67 35.54 27.26 -13.07
CA ILE A 67 34.10 27.42 -13.28
C ILE A 67 33.68 28.84 -12.98
N LYS A 68 33.19 29.52 -14.01
CA LYS A 68 32.76 30.90 -13.90
C LYS A 68 31.26 31.01 -14.02
N ILE A 69 30.64 31.64 -13.05
CA ILE A 69 29.20 31.79 -13.02
C ILE A 69 28.89 33.24 -13.00
N THR A 70 28.02 33.67 -13.91
CA THR A 70 27.59 35.04 -13.98
C THR A 70 26.09 35.08 -13.84
N THR A 71 25.56 36.03 -13.08
CA THR A 71 24.12 36.07 -12.89
C THR A 71 23.63 37.45 -13.14
N ASN A 72 22.42 37.55 -13.62
CA ASN A 72 21.77 38.82 -13.83
C ASN A 72 20.30 38.76 -13.52
N PRO A 73 19.87 39.54 -12.50
CA PRO A 73 20.72 40.41 -11.65
C PRO A 73 21.80 39.71 -10.83
N PRO A 74 22.96 40.39 -10.58
CA PRO A 74 24.11 39.73 -9.95
C PRO A 74 23.78 39.35 -8.52
N VAL A 75 24.17 38.14 -8.11
CA VAL A 75 23.95 37.66 -6.75
CA VAL A 75 23.96 37.65 -6.73
C VAL A 75 25.18 36.87 -6.34
N GLU A 76 25.60 36.99 -5.05
CA GLU A 76 26.71 36.17 -4.56
C GLU A 76 26.29 34.66 -4.42
N GLY A 77 27.22 33.76 -4.70
CA GLY A 77 27.03 32.30 -4.47
C GLY A 77 28.33 31.63 -4.16
N ALA A 78 28.33 30.32 -3.92
CA ALA A 78 29.56 29.63 -3.59
C ALA A 78 29.41 28.20 -3.97
N PHE A 79 30.54 27.50 -4.09
CA PHE A 79 30.64 26.11 -4.37
C PHE A 79 30.64 25.23 -3.11
N TYR A 80 30.03 24.05 -3.25
CA TYR A 80 30.01 22.99 -2.22
C TYR A 80 29.98 21.64 -2.92
N TRP A 81 30.88 20.73 -2.53
CA TRP A 81 31.01 19.44 -3.20
C TRP A 81 30.08 18.45 -2.54
N LEU A 82 29.30 17.74 -3.34
CA LEU A 82 28.33 16.73 -2.82
C LEU A 82 28.99 15.41 -2.71
N ASN A 83 29.99 15.15 -3.59
CA ASN A 83 30.80 13.92 -3.57
C ASN A 83 32.08 14.27 -4.37
N ASN A 84 32.85 13.22 -4.66
CA ASN A 84 34.18 13.40 -5.31
C ASN A 84 34.08 13.78 -6.79
N ARG A 85 32.89 13.57 -7.38
CA ARG A 85 32.71 14.09 -8.75
C ARG A 85 31.69 15.22 -9.06
N GLU A 86 31.09 15.81 -8.04
CA GLU A 86 30.06 16.71 -8.31
C GLU A 86 30.10 17.91 -7.41
N VAL A 87 30.13 19.08 -8.02
CA VAL A 87 30.14 20.28 -7.23
C VAL A 87 28.86 21.03 -7.55
N ARG A 88 28.37 21.79 -6.58
CA ARG A 88 27.17 22.60 -6.71
C ARG A 88 27.49 24.04 -6.45
N TRP A 89 26.75 24.95 -7.06
CA TRP A 89 26.83 26.36 -6.74
C TRP A 89 25.43 26.95 -6.62
N ARG A 90 25.19 27.71 -5.54
CA ARG A 90 24.02 28.43 -5.31
C ARG A 90 24.24 29.70 -4.49
N PRO A 91 23.26 30.64 -4.50
CA PRO A 91 23.23 31.80 -3.62
C PRO A 91 22.81 31.39 -2.22
N GLU A 92 22.78 32.37 -1.34
CA GLU A 92 22.42 32.14 0.06
C GLU A 92 20.91 31.87 0.16
N HIS A 93 20.13 32.66 -0.56
CA HIS A 93 18.70 32.51 -0.63
C HIS A 93 18.23 31.96 -1.99
N PHE A 94 16.95 31.56 -2.06
CA PHE A 94 16.44 31.05 -3.35
C PHE A 94 16.63 32.14 -4.41
N TRP A 95 16.78 31.72 -5.67
CA TRP A 95 16.93 32.72 -6.75
C TRP A 95 15.76 33.66 -6.83
N LYS A 96 16.01 34.90 -7.28
CA LYS A 96 14.91 35.76 -7.65
C LYS A 96 14.35 35.32 -9.03
N PRO A 97 13.02 35.27 -9.20
CA PRO A 97 12.39 34.96 -10.49
C PRO A 97 12.91 35.91 -11.56
N GLY A 98 13.19 35.36 -12.76
CA GLY A 98 13.66 36.18 -13.87
C GLY A 98 15.15 36.29 -13.95
N THR A 99 15.87 35.81 -12.95
CA THR A 99 17.32 35.73 -13.05
C THR A 99 17.87 34.94 -14.18
N ALA A 100 18.84 35.50 -14.92
CA ALA A 100 19.45 34.77 -15.98
C ALA A 100 20.84 34.34 -15.49
N VAL A 101 21.23 33.10 -15.73
CA VAL A 101 22.49 32.56 -15.23
C VAL A 101 23.26 31.99 -16.39
N ASP A 102 24.54 32.31 -16.43
CA ASP A 102 25.49 31.79 -17.41
C ASP A 102 26.57 31.03 -16.72
N VAL A 103 26.86 29.85 -17.20
CA VAL A 103 27.88 29.04 -16.61
C VAL A 103 28.91 28.63 -17.64
N ALA A 104 30.18 28.84 -17.30
CA ALA A 104 31.29 28.51 -18.19
C ALA A 104 32.22 27.58 -17.42
N VAL A 105 32.29 26.35 -17.85
CA VAL A 105 33.21 25.38 -17.24
C VAL A 105 34.45 25.26 -18.17
N ASN A 106 35.50 25.99 -17.81
CA ASN A 106 36.70 26.08 -18.66
C ASN A 106 37.78 25.15 -18.21
N THR A 107 37.63 23.85 -18.43
CA THR A 107 38.62 22.89 -17.91
C THR A 107 39.62 22.44 -18.99
N TYR A 108 39.55 23.01 -20.19
CA TYR A 108 40.55 22.58 -21.15
C TYR A 108 41.89 23.21 -20.75
N GLY A 109 42.93 22.39 -20.66
CA GLY A 109 44.24 22.90 -20.24
C GLY A 109 44.39 23.09 -18.73
N VAL A 110 43.40 22.62 -17.95
CA VAL A 110 43.41 22.75 -16.46
C VAL A 110 43.73 21.37 -15.88
N ASP A 111 44.72 21.34 -14.97
CA ASP A 111 45.11 20.11 -14.28
C ASP A 111 44.13 20.07 -13.10
N LEU A 112 43.16 19.17 -13.21
CA LEU A 112 42.13 18.97 -12.20
C LEU A 112 42.64 18.10 -11.02
N GLY A 113 43.93 17.78 -11.02
CA GLY A 113 44.61 17.17 -9.86
C GLY A 113 45.17 15.86 -10.30
N GLU A 114 46.42 15.58 -9.89
CA GLU A 114 47.15 14.36 -10.31
C GLU A 114 47.27 14.13 -11.84
N GLY A 115 47.40 15.24 -12.58
CA GLY A 115 47.56 15.13 -14.06
C GLY A 115 46.36 14.60 -14.83
N MET A 116 45.15 14.79 -14.25
CA MET A 116 43.91 14.57 -15.00
C MET A 116 43.45 15.92 -15.52
N PHE A 117 43.28 15.97 -16.84
CA PHE A 117 43.04 17.26 -17.49
C PHE A 117 41.64 17.27 -18.04
N GLY A 118 41.03 18.45 -18.11
CA GLY A 118 39.70 18.62 -18.75
C GLY A 118 39.65 18.18 -20.20
N GLU A 119 38.66 17.38 -20.59
CA GLU A 119 38.56 16.94 -21.97
C GLU A 119 38.07 18.10 -22.88
N ASP A 120 37.36 19.05 -22.29
CA ASP A 120 36.66 20.12 -23.06
C ASP A 120 36.17 21.23 -22.13
N ASN A 121 35.63 22.28 -22.75
CA ASN A 121 34.93 23.36 -22.07
C ASN A 121 33.43 23.18 -22.34
N VAL A 122 32.59 23.68 -21.44
CA VAL A 122 31.15 23.40 -21.49
C VAL A 122 30.53 24.67 -20.98
N GLN A 123 29.40 25.02 -21.57
CA GLN A 123 28.73 26.22 -21.18
C GLN A 123 27.22 25.86 -21.03
N THR A 124 26.54 26.64 -20.20
CA THR A 124 25.09 26.58 -20.14
C THR A 124 24.48 27.97 -19.80
N HIS A 125 23.32 28.30 -20.37
CA HIS A 125 22.59 29.51 -20.02
C HIS A 125 21.23 29.05 -19.52
N PHE A 126 20.78 29.52 -18.37
CA PHE A 126 19.42 29.18 -17.95
C PHE A 126 18.71 30.33 -17.29
N THR A 127 17.40 30.21 -17.05
CA THR A 127 16.66 31.30 -16.45
C THR A 127 15.78 30.76 -15.32
N ILE A 128 15.51 31.63 -14.38
CA ILE A 128 14.66 31.30 -13.27
C ILE A 128 13.24 31.66 -13.54
N GLY A 129 12.32 30.72 -13.42
CA GLY A 129 10.91 31.07 -13.47
C GLY A 129 10.24 31.61 -12.20
N ASP A 130 8.94 31.45 -12.11
CA ASP A 130 8.15 31.84 -10.98
C ASP A 130 8.60 31.11 -9.70
N GLU A 131 8.31 31.73 -8.57
CA GLU A 131 8.67 31.22 -7.27
C GLU A 131 7.54 30.28 -6.89
N VAL A 132 7.87 28.99 -6.79
CA VAL A 132 6.79 28.06 -6.47
C VAL A 132 7.36 27.29 -5.28
N ILE A 133 6.64 27.39 -4.13
CA ILE A 133 7.09 26.75 -2.89
C ILE A 133 5.87 26.06 -2.30
N ALA A 134 6.00 24.74 -2.10
CA ALA A 134 4.89 23.97 -1.57
C ALA A 134 5.29 23.48 -0.23
N THR A 135 4.45 23.75 0.79
CA THR A 135 4.81 23.48 2.19
C THR A 135 3.89 22.35 2.67
N ALA A 136 4.48 21.26 3.16
CA ALA A 136 3.67 20.18 3.71
C ALA A 136 3.90 20.25 5.26
N ASP A 137 2.82 20.53 5.98
CA ASP A 137 2.95 20.75 7.46
C ASP A 137 2.31 19.56 8.15
N ASP A 138 3.10 18.75 8.84
CA ASP A 138 2.56 17.52 9.45
C ASP A 138 1.49 17.90 10.50
N ASN A 139 1.56 19.11 11.06
CA ASN A 139 0.45 19.50 12.02
C ASN A 139 -0.92 19.55 11.38
N THR A 140 -1.06 19.91 10.09
CA THR A 140 -2.34 20.02 9.41
C THR A 140 -2.56 18.91 8.36
N LYS A 141 -1.46 18.28 7.98
CA LYS A 141 -1.49 17.25 6.86
C LYS A 141 -2.01 17.83 5.55
N ILE A 142 -1.66 19.09 5.31
CA ILE A 142 -1.96 19.76 4.04
C ILE A 142 -0.65 20.20 3.37
N LEU A 143 -0.59 19.96 2.05
CA LEU A 143 0.51 20.47 1.23
C LEU A 143 -0.11 21.66 0.49
N THR A 144 0.41 22.86 0.79
CA THR A 144 -0.10 24.12 0.21
C THR A 144 0.92 24.63 -0.77
N VAL A 145 0.48 24.82 -2.01
CA VAL A 145 1.40 25.31 -3.08
C VAL A 145 1.14 26.85 -3.19
N ARG A 146 2.24 27.61 -3.07
CA ARG A 146 2.21 29.08 -3.27
C ARG A 146 3.02 29.43 -4.49
N VAL A 147 2.46 30.30 -5.33
CA VAL A 147 3.15 30.75 -6.55
C VAL A 147 3.35 32.28 -6.37
N ASN A 148 4.59 32.73 -6.30
CA ASN A 148 4.94 34.17 -6.00
C ASN A 148 4.19 34.68 -4.78
N GLY A 149 4.15 33.81 -3.76
CA GLY A 149 3.53 34.13 -2.49
C GLY A 149 2.06 33.87 -2.36
N GLU A 150 1.31 33.64 -3.44
CA GLU A 150 -0.11 33.43 -3.31
C GLU A 150 -0.50 31.92 -3.30
N VAL A 151 -1.42 31.53 -2.44
CA VAL A 151 -1.89 30.11 -2.40
C VAL A 151 -2.65 29.80 -3.66
N VAL A 152 -2.28 28.72 -4.36
CA VAL A 152 -3.01 28.32 -5.55
C VAL A 152 -3.65 26.95 -5.40
N LYS A 153 -3.17 26.15 -4.45
CA LYS A 153 -3.73 24.77 -4.28
C LYS A 153 -3.43 24.39 -2.84
N SER A 154 -4.41 23.75 -2.19
CA SER A 154 -4.21 23.15 -0.87
C SER A 154 -4.62 21.66 -0.95
N MET A 155 -3.65 20.77 -0.80
CA MET A 155 -3.88 19.33 -1.05
C MET A 155 -3.73 18.59 0.28
N PRO A 156 -4.73 17.78 0.64
CA PRO A 156 -4.59 16.84 1.80
C PRO A 156 -3.49 15.86 1.42
N THR A 157 -2.69 15.52 2.42
CA THR A 157 -1.57 14.62 2.14
C THR A 157 -1.47 13.58 3.26
N SER A 158 -0.90 12.41 2.94
CA SER A 158 -0.56 11.45 3.93
C SER A 158 0.93 11.19 3.79
N MET A 159 1.75 11.52 4.80
CA MET A 159 3.23 11.41 4.66
C MET A 159 3.67 10.15 5.39
N GLY A 160 4.98 10.05 5.71
CA GLY A 160 5.55 8.80 6.21
C GLY A 160 4.93 8.50 7.60
N LYS A 161 4.50 7.24 7.76
CA LYS A 161 4.01 6.91 9.10
C LYS A 161 5.11 6.99 10.17
N ASP A 162 4.73 6.94 11.45
CA ASP A 162 5.80 7.20 12.42
C ASP A 162 7.03 6.27 12.36
N SER A 163 6.86 4.99 12.00
CA SER A 163 7.97 4.12 11.92
C SER A 163 8.81 4.30 10.66
N THR A 164 8.31 5.06 9.70
CA THR A 164 9.01 5.36 8.44
C THR A 164 8.73 6.82 7.97
N PRO A 165 9.17 7.76 8.78
CA PRO A 165 8.68 9.14 8.71
C PRO A 165 9.32 9.88 7.53
N THR A 166 8.63 10.91 7.06
CA THR A 166 9.27 11.79 6.09
C THR A 166 10.17 12.80 6.82
N ALA A 167 11.37 13.01 6.30
CA ALA A 167 12.23 13.99 6.96
C ALA A 167 11.73 15.38 6.74
N ASN A 168 11.98 16.23 7.73
CA ASN A 168 11.71 17.63 7.53
C ASN A 168 12.80 18.26 6.64
N GLY A 169 12.49 19.42 6.11
CA GLY A 169 13.50 20.22 5.41
C GLY A 169 13.06 20.66 4.04
N ILE A 170 14.06 21.20 3.33
CA ILE A 170 13.78 21.83 2.05
C ILE A 170 14.19 20.87 0.98
N TYR A 171 13.26 20.55 0.05
CA TYR A 171 13.58 19.59 -0.96
C TYR A 171 13.45 20.35 -2.31
N ILE A 172 14.34 20.05 -3.23
CA ILE A 172 14.29 20.66 -4.56
C ILE A 172 13.55 19.61 -5.46
N VAL A 173 12.61 20.09 -6.27
CA VAL A 173 11.91 19.26 -7.28
C VAL A 173 12.85 18.85 -8.35
N GLY A 174 12.86 17.53 -8.62
CA GLY A 174 13.70 16.94 -9.64
C GLY A 174 12.83 16.44 -10.84
N SER A 175 13.03 15.18 -11.20
CA SER A 175 12.33 14.68 -12.39
C SER A 175 10.86 14.31 -12.12
N ARG A 176 10.07 14.14 -13.19
N ARG A 176 10.06 14.16 -13.16
CA ARG A 176 8.62 13.88 -13.10
CA ARG A 176 8.71 13.73 -12.95
C ARG A 176 8.25 12.71 -14.08
C ARG A 176 8.48 12.57 -13.92
N TYR A 177 7.44 11.78 -13.60
CA TYR A 177 7.11 10.55 -14.31
C TYR A 177 5.62 10.37 -14.40
N LYS A 178 5.06 10.09 -15.60
CA LYS A 178 3.65 9.86 -15.56
C LYS A 178 3.26 8.53 -14.88
N HIS A 179 4.16 7.61 -14.98
CA HIS A 179 4.05 6.33 -14.22
C HIS A 179 5.37 5.72 -13.97
N ILE A 180 5.64 5.23 -12.75
CA ILE A 180 6.91 4.52 -12.48
C ILE A 180 6.65 3.52 -11.36
N ILE A 181 7.59 2.59 -11.20
CA ILE A 181 7.59 1.71 -9.99
C ILE A 181 8.61 2.23 -9.05
N MET A 182 8.20 2.42 -7.80
CA MET A 182 9.21 2.75 -6.69
C MET A 182 9.50 1.44 -5.99
N ASP A 183 10.77 1.07 -5.89
CA ASP A 183 11.10 -0.25 -5.32
C ASP A 183 12.09 0.02 -4.17
N SER A 184 11.79 -0.49 -2.99
CA SER A 184 12.58 -0.07 -1.84
C SER A 184 14.02 -0.61 -1.92
N SER A 185 14.24 -1.65 -2.72
CA SER A 185 15.59 -2.27 -2.74
C SER A 185 16.58 -1.28 -3.37
N THR A 186 16.06 -0.28 -4.12
CA THR A 186 16.88 0.81 -4.68
C THR A 186 17.59 1.47 -3.57
N TYR A 187 16.94 1.52 -2.40
CA TYR A 187 17.42 2.26 -1.23
C TYR A 187 17.95 1.32 -0.12
N GLY A 188 18.33 0.08 -0.45
CA GLY A 188 18.85 -0.89 0.50
C GLY A 188 17.80 -1.46 1.48
N VAL A 189 16.53 -1.45 1.08
CA VAL A 189 15.52 -2.07 1.93
C VAL A 189 14.89 -3.18 1.11
N PRO A 190 15.11 -4.43 1.48
CA PRO A 190 14.55 -5.53 0.68
C PRO A 190 13.04 -5.42 0.54
N VAL A 191 12.53 -5.68 -0.68
CA VAL A 191 11.04 -5.66 -0.85
C VAL A 191 10.31 -6.64 0.09
N ASN A 192 10.96 -7.77 0.45
CA ASN A 192 10.30 -8.64 1.33
C ASN A 192 10.30 -8.27 2.80
N SER A 193 10.96 -7.16 3.17
CA SER A 193 11.13 -6.86 4.63
C SER A 193 10.00 -5.93 5.10
N PRO A 194 9.89 -5.65 6.42
CA PRO A 194 8.70 -4.97 6.86
C PRO A 194 8.55 -3.61 6.25
N ASN A 195 9.67 -2.87 5.98
CA ASN A 195 9.49 -1.49 5.39
C ASN A 195 9.68 -1.52 3.86
N GLY A 196 9.68 -2.73 3.29
CA GLY A 196 9.85 -2.89 1.84
C GLY A 196 8.59 -2.63 1.00
N TYR A 197 8.80 -2.30 -0.28
CA TYR A 197 7.63 -2.04 -1.18
C TYR A 197 8.14 -2.12 -2.63
N ARG A 198 7.23 -2.42 -3.54
CA ARG A 198 7.52 -2.38 -4.94
C ARG A 198 6.21 -1.91 -5.53
N THR A 199 6.14 -0.59 -5.78
CA THR A 199 4.85 0.08 -5.88
C THR A 199 4.73 0.83 -7.19
N ASP A 200 3.67 0.53 -7.96
CA ASP A 200 3.33 1.30 -9.18
C ASP A 200 2.65 2.58 -8.80
N VAL A 201 3.12 3.73 -9.30
CA VAL A 201 2.40 5.01 -8.95
C VAL A 201 2.28 5.85 -10.25
N ASP A 202 1.25 6.64 -10.28
CA ASP A 202 1.03 7.59 -11.37
C ASP A 202 1.43 8.99 -10.87
N TRP A 203 1.81 9.80 -11.84
CA TRP A 203 2.00 11.24 -11.60
C TRP A 203 2.96 11.49 -10.47
N ALA A 204 4.18 11.02 -10.66
CA ALA A 204 5.18 11.01 -9.56
C ALA A 204 6.21 12.08 -9.76
N THR A 205 6.30 12.98 -8.78
CA THR A 205 7.33 14.07 -8.90
C THR A 205 8.42 13.79 -7.83
N GLN A 206 9.67 13.61 -8.27
CA GLN A 206 10.75 13.23 -7.37
C GLN A 206 11.19 14.47 -6.61
N ILE A 207 11.35 14.35 -5.27
CA ILE A 207 11.86 15.52 -4.53
C ILE A 207 13.08 15.17 -3.66
N SER A 208 13.46 13.90 -3.58
CA SER A 208 14.80 13.59 -3.01
C SER A 208 15.40 12.40 -3.69
N TYR A 209 16.71 12.29 -3.64
CA TYR A 209 17.38 11.16 -4.26
C TYR A 209 17.24 9.96 -3.30
N SER A 210 16.86 10.23 -2.06
CA SER A 210 16.58 9.21 -1.05
C SER A 210 15.24 8.51 -1.28
N GLY A 211 14.47 9.01 -2.25
CA GLY A 211 13.29 8.28 -2.75
C GLY A 211 11.99 8.87 -2.30
N VAL A 212 11.98 10.15 -1.87
CA VAL A 212 10.72 10.82 -1.61
C VAL A 212 10.16 11.37 -2.89
N PHE A 213 8.91 11.15 -3.14
CA PHE A 213 8.16 11.74 -4.26
C PHE A 213 6.84 12.27 -3.77
N VAL A 214 6.24 13.20 -4.52
CA VAL A 214 4.82 13.51 -4.37
C VAL A 214 4.18 12.71 -5.49
N HIS A 215 3.11 11.91 -5.15
CA HIS A 215 2.58 11.08 -6.19
C HIS A 215 1.13 10.81 -5.93
N SER A 216 0.47 10.26 -6.97
CA SER A 216 -0.94 9.82 -6.80
C SER A 216 -1.06 8.62 -5.88
N ALA A 217 -1.99 8.67 -4.92
CA ALA A 217 -2.13 7.48 -4.02
C ALA A 217 -3.60 7.27 -3.76
N PRO A 218 -4.28 6.72 -4.74
CA PRO A 218 -5.67 6.47 -4.54
C PRO A 218 -5.93 5.57 -3.26
N TRP A 219 -4.95 4.75 -2.88
CA TRP A 219 -5.12 3.84 -1.70
C TRP A 219 -5.08 4.61 -0.39
N SER A 220 -4.70 5.90 -0.36
CA SER A 220 -4.61 6.55 0.94
C SER A 220 -5.53 7.79 0.97
N VAL A 221 -6.52 7.86 0.08
CA VAL A 221 -7.39 9.05 0.05
C VAL A 221 -8.14 9.24 1.34
N GLY A 222 -8.54 8.13 2.01
CA GLY A 222 -9.19 8.24 3.35
C GLY A 222 -8.25 8.97 4.37
N ALA A 223 -6.98 8.56 4.35
CA ALA A 223 -6.02 8.98 5.34
C ALA A 223 -5.50 10.35 5.03
N GLN A 224 -5.44 10.76 3.76
CA GLN A 224 -4.91 12.04 3.40
C GLN A 224 -5.60 13.20 4.12
N GLY A 225 -4.79 14.05 4.78
CA GLY A 225 -5.39 15.14 5.54
C GLY A 225 -5.63 14.76 7.00
N HIS A 226 -5.41 13.50 7.35
CA HIS A 226 -5.70 12.98 8.72
C HIS A 226 -4.59 12.19 9.32
N THR A 227 -4.06 11.19 8.58
CA THR A 227 -3.18 10.19 9.18
C THR A 227 -2.03 9.89 8.25
N ASN A 228 -0.83 9.86 8.76
CA ASN A 228 0.29 9.45 7.88
C ASN A 228 0.35 7.94 7.71
N THR A 229 0.45 7.48 6.46
CA THR A 229 0.47 6.07 6.22
C THR A 229 1.56 5.61 5.25
N SER A 230 2.45 6.51 4.77
CA SER A 230 3.37 6.12 3.72
C SER A 230 4.72 5.68 4.22
N HIS A 231 5.66 5.27 3.31
CA HIS A 231 7.01 4.98 3.76
C HIS A 231 7.87 6.23 3.73
N GLY A 232 7.27 7.39 3.40
CA GLY A 232 8.07 8.61 3.37
C GLY A 232 7.58 9.54 2.26
N CYS A 233 7.00 8.96 1.22
CA CYS A 233 6.48 9.82 0.19
C CYS A 233 5.32 10.72 0.63
N LEU A 234 5.10 11.80 -0.12
CA LEU A 234 3.92 12.64 0.08
C LEU A 234 2.76 12.16 -0.81
N ASN A 235 1.89 11.31 -0.21
CA ASN A 235 0.74 10.80 -0.97
C ASN A 235 -0.30 11.88 -1.05
N VAL A 236 -0.79 12.10 -2.28
CA VAL A 236 -1.92 13.02 -2.50
C VAL A 236 -2.95 12.35 -3.43
N SER A 237 -4.06 13.04 -3.68
CA SER A 237 -5.15 12.42 -4.50
C SER A 237 -4.64 12.32 -5.95
N PRO A 238 -5.20 11.39 -6.72
CA PRO A 238 -4.86 11.37 -8.16
C PRO A 238 -4.99 12.72 -8.91
N SER A 239 -6.05 13.50 -8.67
CA SER A 239 -6.15 14.80 -9.33
C SER A 239 -5.12 15.79 -8.83
N ASN A 240 -4.85 15.80 -7.51
CA ASN A 240 -3.84 16.71 -7.00
C ASN A 240 -2.44 16.31 -7.54
N ALA A 241 -2.13 14.99 -7.63
CA ALA A 241 -0.80 14.56 -8.15
C ALA A 241 -0.64 14.99 -9.55
N GLN A 242 -1.71 14.83 -10.35
CA GLN A 242 -1.59 15.18 -11.80
C GLN A 242 -1.41 16.73 -11.88
N TRP A 243 -2.14 17.46 -11.03
CA TRP A 243 -1.97 18.96 -11.00
C TRP A 243 -0.52 19.30 -10.69
N PHE A 244 0.08 18.61 -9.69
CA PHE A 244 1.45 18.90 -9.32
C PHE A 244 2.41 18.60 -10.46
N TYR A 245 2.25 17.42 -11.08
CA TYR A 245 3.04 17.06 -12.19
C TYR A 245 2.95 18.14 -13.30
N ASP A 246 1.74 18.65 -13.54
CA ASP A 246 1.48 19.57 -14.70
C ASP A 246 2.03 20.93 -14.40
N HIS A 247 2.11 21.30 -13.10
CA HIS A 247 2.37 22.71 -12.82
C HIS A 247 3.70 22.99 -12.10
N VAL A 248 4.33 21.97 -11.50
CA VAL A 248 5.58 22.23 -10.74
C VAL A 248 6.71 21.82 -11.64
N LYS A 249 7.90 22.46 -11.59
CA LYS A 249 8.94 22.20 -12.54
C LYS A 249 10.26 21.98 -11.74
N ARG A 250 11.26 21.44 -12.42
CA ARG A 250 12.54 21.18 -11.78
C ARG A 250 13.01 22.48 -11.12
N GLY A 251 13.46 22.35 -9.88
CA GLY A 251 13.99 23.51 -9.11
C GLY A 251 12.96 24.19 -8.27
N ASP A 252 11.67 23.90 -8.44
CA ASP A 252 10.70 24.40 -7.47
C ASP A 252 10.97 23.74 -6.11
N ILE A 253 10.31 24.22 -5.07
CA ILE A 253 10.70 23.79 -3.69
C ILE A 253 9.48 23.12 -3.01
N VAL A 254 9.78 22.05 -2.27
CA VAL A 254 8.82 21.53 -1.35
C VAL A 254 9.52 21.61 0.04
N GLU A 255 8.82 22.18 0.99
CA GLU A 255 9.39 22.25 2.33
C GLU A 255 8.52 21.44 3.25
N VAL A 256 9.13 20.48 3.96
CA VAL A 256 8.31 19.67 4.90
C VAL A 256 8.61 20.17 6.30
N VAL A 257 7.53 20.36 7.09
CA VAL A 257 7.75 20.84 8.46
C VAL A 257 6.94 20.01 9.46
N ASN A 258 7.47 19.98 10.70
CA ASN A 258 6.76 19.49 11.87
C ASN A 258 6.57 17.96 11.85
N THR A 259 7.30 17.21 11.03
CA THR A 259 7.17 15.71 11.10
C THR A 259 8.02 15.17 12.25
N VAL A 260 7.79 13.95 12.60
CA VAL A 260 8.64 13.22 13.61
C VAL A 260 9.99 12.75 13.07
N GLY A 261 10.31 13.03 11.78
CA GLY A 261 11.60 12.63 11.28
C GLY A 261 12.79 13.55 11.55
N GLY A 262 13.93 13.22 10.98
CA GLY A 262 15.05 14.19 11.12
C GLY A 262 14.95 15.23 9.99
N THR A 263 16.14 15.62 9.51
CA THR A 263 16.24 16.61 8.41
C THR A 263 16.88 15.89 7.23
N LEU A 264 16.36 16.17 6.01
CA LEU A 264 16.94 15.64 4.83
C LEU A 264 18.44 16.07 4.76
N PRO A 265 19.33 15.14 4.46
CA PRO A 265 20.78 15.46 4.37
C PRO A 265 21.07 16.49 3.30
N GLY A 266 21.91 17.48 3.66
CA GLY A 266 22.38 18.43 2.63
C GLY A 266 23.00 17.83 1.40
N ILE A 267 23.61 16.65 1.52
CA ILE A 267 24.20 15.97 0.37
C ILE A 267 23.35 14.90 -0.30
N ASP A 268 22.05 14.95 -0.01
CA ASP A 268 21.11 14.01 -0.63
C ASP A 268 21.29 13.97 -2.18
N GLY A 269 21.43 15.14 -2.77
CA GLY A 269 21.29 15.31 -4.28
C GLY A 269 20.25 16.36 -4.57
N LEU A 270 19.22 16.46 -3.73
CA LEU A 270 18.19 17.53 -3.87
C LEU A 270 17.98 18.24 -2.48
N GLY A 271 18.98 18.12 -1.56
CA GLY A 271 18.78 18.66 -0.22
C GLY A 271 19.81 19.77 0.05
N ASP A 272 20.30 20.38 -1.03
CA ASP A 272 21.38 21.47 -0.88
C ASP A 272 21.02 22.53 0.10
N TRP A 273 19.74 22.98 0.15
CA TRP A 273 19.35 24.11 0.92
C TRP A 273 19.29 23.82 2.42
N ASN A 274 19.43 22.54 2.79
CA ASN A 274 19.45 22.20 4.25
C ASN A 274 20.83 22.49 4.83
N ILE A 275 21.80 22.88 4.02
CA ILE A 275 23.16 23.11 4.57
C ILE A 275 23.13 24.60 4.85
N PRO A 276 23.44 25.05 6.11
CA PRO A 276 23.38 26.50 6.45
C PRO A 276 24.41 27.26 5.60
N TRP A 277 24.08 28.47 5.27
CA TRP A 277 24.89 29.29 4.35
C TRP A 277 26.36 29.39 4.80
N ASP A 278 26.57 29.56 6.12
CA ASP A 278 27.97 29.77 6.60
C ASP A 278 28.78 28.57 6.31
N GLN A 279 28.19 27.39 6.44
CA GLN A 279 28.89 26.15 6.11
C GLN A 279 29.01 26.03 4.56
N TRP A 280 27.91 26.28 3.85
CA TRP A 280 28.01 26.16 2.37
C TRP A 280 29.13 27.10 1.84
N ARG A 281 29.00 28.40 2.10
CA ARG A 281 29.98 29.44 1.70
C ARG A 281 31.45 29.06 1.97
N ALA A 282 31.69 28.49 3.15
CA ALA A 282 33.01 28.08 3.56
C ALA A 282 33.52 27.01 2.67
N GLY A 283 32.64 26.12 2.21
CA GLY A 283 33.07 25.17 1.19
C GLY A 283 33.74 23.97 1.74
N ASN A 284 34.15 23.08 0.87
CA ASN A 284 34.84 21.86 1.26
C ASN A 284 35.86 21.44 0.21
N ALA A 285 36.54 22.44 -0.38
CA ALA A 285 37.52 22.16 -1.44
C ALA A 285 38.80 21.51 -0.84
N LYS A 286 38.98 21.77 0.45
CA LYS A 286 39.83 21.04 1.44
C LYS A 286 41.07 21.80 1.85
N ARG B 1 -46.75 -23.20 20.47
CA ARG B 1 -46.91 -24.48 19.73
C ARG B 1 -45.54 -24.77 19.11
N ARG B 2 -45.38 -24.32 17.85
CA ARG B 2 -44.10 -24.07 17.20
C ARG B 2 -44.22 -22.63 16.63
N TYR B 3 -43.72 -21.65 17.40
CA TYR B 3 -43.47 -20.31 16.88
C TYR B 3 -42.03 -20.31 16.36
N THR B 4 -41.83 -19.77 15.15
CA THR B 4 -40.52 -19.81 14.51
C THR B 4 -40.30 -18.53 13.70
N LEU B 5 -39.13 -17.94 13.83
CA LEU B 5 -38.71 -16.90 12.91
C LEU B 5 -37.90 -17.53 11.73
N ASN B 6 -38.00 -16.94 10.53
CA ASN B 6 -37.13 -17.38 9.42
C ASN B 6 -35.90 -16.46 9.46
N ALA B 7 -34.69 -17.03 9.24
CA ALA B 7 -33.46 -16.22 9.31
C ALA B 7 -33.42 -15.31 8.08
N THR B 8 -33.37 -13.98 8.31
CA THR B 8 -33.21 -12.96 7.22
C THR B 8 -31.73 -13.03 6.76
N ALA B 9 -31.46 -12.89 5.45
CA ALA B 9 -30.06 -12.82 4.99
C ALA B 9 -29.38 -11.58 5.64
N LEU B 10 -28.06 -11.65 5.83
CA LEU B 10 -27.29 -10.72 6.72
C LEU B 10 -27.75 -9.26 6.82
N GLY B 11 -27.90 -8.55 5.70
CA GLY B 11 -28.00 -7.09 5.81
C GLY B 11 -29.43 -6.54 5.77
N HIS B 29 -30.49 -14.19 31.03
CA HIS B 29 -31.74 -14.93 31.18
C HIS B 29 -32.04 -15.76 29.88
N LEU B 30 -32.28 -15.01 28.80
CA LEU B 30 -32.64 -15.60 27.52
C LEU B 30 -31.47 -15.38 26.55
N THR B 31 -31.23 -16.40 25.71
CA THR B 31 -30.25 -16.33 24.61
C THR B 31 -30.88 -16.56 23.22
N MET B 32 -30.68 -15.59 22.31
CA MET B 32 -31.21 -15.63 20.93
C MET B 32 -30.19 -16.24 19.96
N PRO B 33 -30.62 -17.26 19.13
CA PRO B 33 -29.75 -17.76 18.05
C PRO B 33 -29.96 -16.97 16.78
N TYR B 34 -28.86 -16.78 16.04
CA TYR B 34 -28.89 -16.18 14.72
C TYR B 34 -28.35 -17.26 13.82
N VAL B 35 -29.00 -17.48 12.68
CA VAL B 35 -28.57 -18.54 11.74
C VAL B 35 -28.18 -17.93 10.39
N MET B 36 -27.12 -18.46 9.77
CA MET B 36 -26.72 -18.17 8.36
C MET B 36 -26.46 -19.50 7.70
N PRO B 37 -26.62 -19.63 6.39
CA PRO B 37 -27.12 -18.64 5.39
C PRO B 37 -28.61 -18.21 5.68
N GLY B 38 -29.00 -17.06 5.14
CA GLY B 38 -30.38 -16.58 5.33
C GLY B 38 -31.31 -17.30 4.35
N ASP B 39 -32.58 -17.11 4.53
CA ASP B 39 -33.58 -17.90 3.86
C ASP B 39 -33.59 -17.54 2.40
N GLY B 40 -33.42 -18.56 1.62
CA GLY B 40 -33.40 -18.53 0.19
C GLY B 40 -32.06 -18.21 -0.47
N GLU B 41 -31.03 -17.97 0.36
CA GLU B 41 -29.74 -17.60 -0.25
C GLU B 41 -29.23 -18.75 -1.09
N VAL B 42 -28.40 -18.42 -2.09
CA VAL B 42 -27.70 -19.43 -2.89
C VAL B 42 -26.21 -19.19 -2.53
N VAL B 43 -25.57 -20.22 -1.99
CA VAL B 43 -24.16 -20.05 -1.45
C VAL B 43 -23.26 -21.04 -2.12
N GLY B 44 -21.95 -20.81 -2.03
CA GLY B 44 -21.01 -21.74 -2.71
C GLY B 44 -20.82 -23.06 -1.88
N VAL B 45 -19.98 -23.90 -2.46
CA VAL B 45 -19.83 -25.30 -1.97
C VAL B 45 -19.03 -25.37 -0.66
N GLY B 46 -18.47 -24.26 -0.23
CA GLY B 46 -17.74 -24.20 1.06
C GLY B 46 -18.51 -23.64 2.24
N GLU B 47 -19.75 -23.09 2.01
CA GLU B 47 -20.47 -22.45 3.07
C GLU B 47 -20.94 -23.39 4.24
N PRO B 48 -20.48 -23.15 5.45
CA PRO B 48 -20.95 -23.92 6.55
C PRO B 48 -22.36 -23.43 7.00
N VAL B 49 -23.16 -24.31 7.59
CA VAL B 49 -24.27 -23.70 8.42
C VAL B 49 -23.68 -23.07 9.66
N ALA B 50 -24.10 -21.85 10.01
CA ALA B 50 -23.55 -21.18 11.14
C ALA B 50 -24.64 -20.84 12.06
N ILE B 51 -24.52 -21.28 13.31
CA ILE B 51 -25.44 -20.74 14.33
C ILE B 51 -24.74 -19.95 15.44
N ARG B 52 -25.03 -18.67 15.61
CA ARG B 52 -24.31 -17.78 16.52
C ARG B 52 -25.27 -17.36 17.64
N PHE B 53 -24.91 -17.56 18.90
CA PHE B 53 -25.82 -17.14 19.96
C PHE B 53 -25.34 -15.82 20.51
N ASP B 54 -26.26 -15.04 21.08
CA ASP B 54 -25.91 -13.73 21.66
C ASP B 54 -25.31 -13.80 23.08
N GLU B 55 -25.19 -15.05 23.56
CA GLU B 55 -24.63 -15.34 24.90
C GLU B 55 -23.78 -16.57 24.82
N ASN B 56 -22.76 -16.66 25.68
CA ASN B 56 -21.98 -17.90 25.77
C ASN B 56 -22.83 -19.11 26.08
N ILE B 57 -22.52 -20.23 25.44
CA ILE B 57 -23.32 -21.42 25.67
C ILE B 57 -22.59 -22.33 26.66
N ALA B 58 -23.15 -22.52 27.85
CA ALA B 58 -22.59 -23.52 28.82
C ALA B 58 -22.76 -24.96 28.37
N ASP B 59 -23.91 -25.29 27.82
CA ASP B 59 -24.15 -26.68 27.50
C ASP B 59 -24.25 -26.85 25.96
N ARG B 60 -23.08 -27.01 25.32
CA ARG B 60 -22.98 -27.17 23.87
C ARG B 60 -23.71 -28.37 23.36
N GLY B 61 -23.74 -29.47 24.15
CA GLY B 61 -24.41 -30.70 23.63
C GLY B 61 -25.95 -30.48 23.51
N ALA B 62 -26.50 -29.69 24.40
CA ALA B 62 -27.93 -29.33 24.41
C ALA B 62 -28.21 -28.47 23.18
N ALA B 63 -27.31 -27.52 22.88
CA ALA B 63 -27.44 -26.65 21.67
C ALA B 63 -27.46 -27.50 20.44
N GLU B 64 -26.51 -28.41 20.31
CA GLU B 64 -26.42 -29.29 19.17
C GLU B 64 -27.64 -30.17 19.01
N LYS B 65 -28.14 -30.68 20.15
CA LYS B 65 -29.34 -31.52 20.13
C LYS B 65 -30.58 -30.81 19.50
N ALA B 66 -30.79 -29.56 19.88
CA ALA B 66 -31.84 -28.66 19.43
C ALA B 66 -31.77 -28.22 17.94
N ILE B 67 -30.66 -28.53 17.25
CA ILE B 67 -30.46 -28.06 15.89
C ILE B 67 -30.61 -29.25 14.95
N LYS B 68 -31.61 -29.17 14.08
CA LYS B 68 -31.89 -30.17 13.09
C LYS B 68 -31.57 -29.68 11.71
N ILE B 69 -30.76 -30.46 11.01
CA ILE B 69 -30.30 -30.14 9.65
C ILE B 69 -30.69 -31.21 8.69
N THR B 70 -31.38 -30.81 7.62
CA THR B 70 -31.82 -31.73 6.61
C THR B 70 -31.26 -31.36 5.27
N THR B 71 -30.76 -32.33 4.54
CA THR B 71 -30.15 -32.05 3.26
C THR B 71 -30.73 -32.89 2.13
N ASN B 72 -30.71 -32.36 0.94
CA ASN B 72 -31.16 -33.07 -0.24
C ASN B 72 -30.39 -32.65 -1.47
N PRO B 73 -29.58 -33.58 -2.01
CA PRO B 73 -29.38 -34.98 -1.53
C PRO B 73 -28.80 -35.12 -0.12
N PRO B 74 -29.17 -36.20 0.61
CA PRO B 74 -28.76 -36.30 2.01
C PRO B 74 -27.24 -36.47 2.07
N VAL B 75 -26.60 -35.77 2.99
CA VAL B 75 -25.18 -35.91 3.20
C VAL B 75 -24.89 -35.91 4.64
N GLU B 76 -23.90 -36.71 5.05
CA GLU B 76 -23.51 -36.71 6.42
C GLU B 76 -22.81 -35.35 6.79
N GLY B 77 -23.05 -34.82 7.97
CA GLY B 77 -22.24 -33.71 8.50
C GLY B 77 -22.17 -33.69 9.99
N ALA B 78 -21.50 -32.69 10.55
CA ALA B 78 -21.30 -32.63 11.97
C ALA B 78 -21.05 -31.23 12.44
N PHE B 79 -21.22 -31.01 13.73
CA PHE B 79 -21.02 -29.75 14.39
C PHE B 79 -19.61 -29.53 14.99
N TYR B 80 -19.13 -28.28 14.93
CA TYR B 80 -17.86 -27.94 15.58
C TYR B 80 -17.98 -26.51 16.02
N TRP B 81 -17.55 -26.21 17.24
CA TRP B 81 -17.73 -24.90 17.82
C TRP B 81 -16.47 -24.08 17.47
N LEU B 82 -16.66 -22.88 16.97
CA LEU B 82 -15.54 -21.94 16.72
C LEU B 82 -15.13 -21.15 17.95
N ASN B 83 -16.05 -20.97 18.87
CA ASN B 83 -15.85 -20.22 20.08
C ASN B 83 -17.04 -20.50 20.95
N ASN B 84 -17.18 -19.76 22.03
CA ASN B 84 -18.24 -20.18 23.00
C ASN B 84 -19.66 -19.78 22.57
N ARG B 85 -19.77 -18.98 21.50
CA ARG B 85 -21.10 -18.50 21.06
C ARG B 85 -21.48 -19.01 19.69
N GLU B 86 -20.57 -19.66 18.96
CA GLU B 86 -20.84 -20.00 17.53
C GLU B 86 -20.48 -21.42 17.21
N VAL B 87 -21.47 -22.13 16.67
CA VAL B 87 -21.27 -23.47 16.23
C VAL B 87 -21.47 -23.56 14.68
N ARG B 88 -20.70 -24.42 14.01
CA ARG B 88 -20.79 -24.60 12.58
C ARG B 88 -21.15 -26.05 12.29
N TRP B 89 -21.80 -26.25 11.16
CA TRP B 89 -22.07 -27.57 10.62
C TRP B 89 -21.72 -27.65 9.19
N ARG B 90 -21.02 -28.70 8.80
CA ARG B 90 -20.69 -28.93 7.47
C ARG B 90 -20.47 -30.40 7.16
N PRO B 91 -20.48 -30.80 5.87
CA PRO B 91 -20.09 -32.20 5.49
C PRO B 91 -18.59 -32.36 5.46
N GLU B 92 -18.18 -33.56 5.10
CA GLU B 92 -16.75 -33.88 5.05
C GLU B 92 -16.12 -33.26 3.85
N HIS B 93 -16.82 -33.33 2.70
CA HIS B 93 -16.38 -32.72 1.49
C HIS B 93 -17.23 -31.48 1.19
N PHE B 94 -16.74 -30.70 0.25
CA PHE B 94 -17.49 -29.43 -0.12
C PHE B 94 -18.84 -29.94 -0.61
N TRP B 95 -19.84 -29.11 -0.47
CA TRP B 95 -21.20 -29.51 -0.88
C TRP B 95 -21.29 -29.79 -2.30
N LYS B 96 -22.20 -30.73 -2.64
CA LYS B 96 -22.57 -30.91 -4.01
C LYS B 96 -23.50 -29.73 -4.56
N PRO B 97 -23.17 -29.18 -5.75
CA PRO B 97 -24.02 -28.12 -6.34
C PRO B 97 -25.45 -28.59 -6.53
N GLY B 98 -26.41 -27.71 -6.21
CA GLY B 98 -27.85 -28.06 -6.29
C GLY B 98 -28.42 -28.59 -5.00
N THR B 99 -27.61 -28.87 -3.97
CA THR B 99 -28.12 -29.33 -2.73
C THR B 99 -28.98 -28.32 -2.00
N ALA B 100 -30.13 -28.81 -1.48
CA ALA B 100 -30.99 -27.97 -0.74
C ALA B 100 -30.85 -28.28 0.74
N VAL B 101 -30.80 -27.25 1.55
CA VAL B 101 -30.52 -27.44 3.01
C VAL B 101 -31.58 -26.74 3.80
N ASP B 102 -32.15 -27.46 4.79
CA ASP B 102 -33.10 -26.88 5.72
C ASP B 102 -32.57 -26.94 7.12
N VAL B 103 -32.67 -25.87 7.86
CA VAL B 103 -32.08 -25.80 9.17
C VAL B 103 -33.18 -25.39 10.10
N ALA B 104 -33.38 -26.17 11.18
CA ALA B 104 -34.33 -25.83 12.24
C ALA B 104 -33.62 -25.78 13.60
N VAL B 105 -33.58 -24.58 14.16
CA VAL B 105 -32.89 -24.27 15.45
C VAL B 105 -34.01 -24.15 16.46
N ASN B 106 -34.33 -25.33 17.01
CA ASN B 106 -35.52 -25.52 17.88
C ASN B 106 -35.13 -25.25 19.34
N THR B 107 -34.71 -24.02 19.61
CA THR B 107 -34.15 -23.64 20.90
C THR B 107 -35.14 -23.02 21.94
N TYR B 108 -36.43 -22.83 21.57
CA TYR B 108 -37.28 -22.00 22.44
C TYR B 108 -37.40 -22.76 23.78
N GLY B 109 -37.01 -22.06 24.87
CA GLY B 109 -37.11 -22.59 26.27
C GLY B 109 -36.16 -23.76 26.57
N VAL B 110 -35.22 -24.06 25.64
CA VAL B 110 -34.37 -25.24 25.77
C VAL B 110 -33.31 -24.83 26.79
N ASP B 111 -32.96 -25.75 27.70
CA ASP B 111 -31.98 -25.48 28.77
C ASP B 111 -30.58 -25.50 28.18
N LEU B 112 -29.94 -24.35 28.15
CA LEU B 112 -28.60 -24.25 27.49
C LEU B 112 -27.43 -24.24 28.52
N GLY B 113 -27.81 -24.44 29.80
CA GLY B 113 -26.86 -24.50 30.92
C GLY B 113 -26.72 -23.20 31.65
N GLU B 114 -26.26 -23.28 32.92
CA GLU B 114 -26.11 -22.10 33.82
C GLU B 114 -27.30 -21.12 33.83
N GLY B 115 -28.52 -21.69 33.86
CA GLY B 115 -29.76 -20.88 33.94
C GLY B 115 -29.95 -19.99 32.72
N MET B 116 -29.54 -20.50 31.56
CA MET B 116 -29.80 -19.80 30.28
C MET B 116 -30.61 -20.68 29.38
N PHE B 117 -31.61 -20.06 28.75
CA PHE B 117 -32.55 -20.80 27.93
C PHE B 117 -32.70 -20.09 26.58
N GLY B 118 -32.96 -20.88 25.55
CA GLY B 118 -33.17 -20.31 24.19
C GLY B 118 -34.37 -19.36 24.12
N GLU B 119 -34.22 -18.20 23.47
CA GLU B 119 -35.30 -17.22 23.39
C GLU B 119 -36.39 -17.58 22.37
N ASP B 120 -35.98 -18.31 21.33
CA ASP B 120 -36.86 -18.59 20.19
C ASP B 120 -36.35 -19.64 19.32
N ASN B 121 -37.23 -20.09 18.41
CA ASN B 121 -36.89 -21.01 17.36
C ASN B 121 -36.60 -20.18 16.09
N VAL B 122 -35.67 -20.67 15.26
CA VAL B 122 -35.29 -19.99 14.04
C VAL B 122 -35.14 -21.06 12.98
N GLN B 123 -35.53 -20.80 11.72
CA GLN B 123 -35.28 -21.72 10.66
C GLN B 123 -34.75 -21.01 9.40
N THR B 124 -34.10 -21.78 8.56
CA THR B 124 -33.68 -21.24 7.26
C THR B 124 -33.69 -22.34 6.21
N HIS B 125 -33.77 -21.92 4.96
CA HIS B 125 -33.77 -22.81 3.81
C HIS B 125 -32.75 -22.18 2.87
N PHE B 126 -31.81 -22.96 2.35
CA PHE B 126 -30.92 -22.38 1.35
C PHE B 126 -30.44 -23.41 0.39
N THR B 127 -29.78 -23.00 -0.69
CA THR B 127 -29.33 -23.99 -1.69
C THR B 127 -27.84 -23.72 -2.05
N ILE B 128 -27.22 -24.72 -2.58
CA ILE B 128 -25.86 -24.65 -3.10
C ILE B 128 -25.74 -24.39 -4.57
N GLY B 129 -25.01 -23.35 -4.96
CA GLY B 129 -24.82 -23.02 -6.34
C GLY B 129 -23.65 -23.80 -7.02
N ASP B 130 -23.17 -23.28 -8.12
CA ASP B 130 -22.05 -23.87 -8.85
C ASP B 130 -20.80 -24.03 -7.95
N GLU B 131 -20.01 -25.02 -8.25
CA GLU B 131 -18.71 -25.21 -7.58
C GLU B 131 -17.72 -24.14 -8.14
N VAL B 132 -17.25 -23.26 -7.27
CA VAL B 132 -16.32 -22.18 -7.65
C VAL B 132 -15.13 -22.26 -6.69
N ILE B 133 -13.97 -22.61 -7.26
CA ILE B 133 -12.77 -22.80 -6.44
C ILE B 133 -11.66 -22.03 -7.14
N ALA B 134 -11.05 -21.10 -6.39
CA ALA B 134 -9.99 -20.30 -6.99
C ALA B 134 -8.71 -20.67 -6.23
N THR B 135 -7.66 -21.07 -6.95
CA THR B 135 -6.43 -21.55 -6.29
C THR B 135 -5.30 -20.53 -6.65
N ALA B 136 -4.67 -20.03 -5.58
CA ALA B 136 -3.57 -19.04 -5.69
C ALA B 136 -2.31 -19.86 -5.36
N ASP B 137 -1.52 -20.04 -6.39
CA ASP B 137 -0.27 -20.92 -6.22
C ASP B 137 0.91 -19.97 -6.15
N ASP B 138 1.56 -19.87 -5.01
CA ASP B 138 2.72 -18.98 -4.83
C ASP B 138 3.87 -19.36 -5.76
N ASN B 139 3.89 -20.61 -6.25
CA ASN B 139 4.98 -20.95 -7.22
C ASN B 139 4.83 -20.28 -8.54
N THR B 140 3.59 -19.96 -8.96
CA THR B 140 3.32 -19.31 -10.28
C THR B 140 2.85 -17.84 -10.11
N LYS B 141 2.47 -17.47 -8.91
CA LYS B 141 1.82 -16.16 -8.61
C LYS B 141 0.63 -15.90 -9.52
N ILE B 142 -0.12 -16.99 -9.73
CA ILE B 142 -1.39 -16.91 -10.47
C ILE B 142 -2.56 -17.42 -9.61
N LEU B 143 -3.66 -16.68 -9.63
CA LEU B 143 -4.89 -17.11 -8.98
C LEU B 143 -5.83 -17.58 -10.12
N THR B 144 -6.10 -18.89 -10.15
CA THR B 144 -6.85 -19.50 -11.24
C THR B 144 -8.28 -19.86 -10.72
N VAL B 145 -9.29 -19.43 -11.44
CA VAL B 145 -10.67 -19.60 -10.96
C VAL B 145 -11.32 -20.70 -11.80
N ARG B 146 -11.78 -21.76 -11.13
CA ARG B 146 -12.43 -22.90 -11.79
C ARG B 146 -13.91 -22.95 -11.38
N VAL B 147 -14.79 -23.05 -12.38
CA VAL B 147 -16.23 -23.14 -12.19
C VAL B 147 -16.63 -24.53 -12.69
N ASN B 148 -17.11 -25.38 -11.78
CA ASN B 148 -17.42 -26.80 -12.07
C ASN B 148 -16.24 -27.53 -12.78
N GLY B 149 -15.04 -27.23 -12.28
CA GLY B 149 -13.83 -27.87 -12.68
C GLY B 149 -13.23 -27.31 -13.94
N GLU B 150 -13.83 -26.28 -14.54
CA GLU B 150 -13.26 -25.63 -15.72
C GLU B 150 -12.62 -24.28 -15.44
N VAL B 151 -11.41 -24.08 -15.96
CA VAL B 151 -10.77 -22.74 -15.85
C VAL B 151 -11.52 -21.65 -16.59
N VAL B 152 -11.93 -20.58 -15.87
CA VAL B 152 -12.62 -19.46 -16.49
C VAL B 152 -11.83 -18.19 -16.41
N LYS B 153 -10.86 -18.13 -15.50
CA LYS B 153 -10.11 -16.88 -15.32
C LYS B 153 -8.75 -17.26 -14.71
N SER B 154 -7.64 -16.60 -15.15
CA SER B 154 -6.31 -16.77 -14.57
C SER B 154 -5.80 -15.35 -14.27
N MET B 155 -5.54 -15.01 -13.00
CA MET B 155 -5.27 -13.63 -12.64
C MET B 155 -3.88 -13.66 -11.99
N PRO B 156 -2.96 -12.89 -12.53
CA PRO B 156 -1.70 -12.64 -11.82
C PRO B 156 -2.01 -12.05 -10.43
N THR B 157 -1.26 -12.50 -9.42
CA THR B 157 -1.47 -11.98 -8.07
C THR B 157 -0.18 -11.64 -7.39
N SER B 158 -0.24 -10.76 -6.40
CA SER B 158 0.87 -10.47 -5.54
C SER B 158 0.36 -10.71 -4.12
N MET B 159 0.91 -11.75 -3.42
CA MET B 159 0.45 -12.09 -2.11
C MET B 159 1.37 -11.51 -1.05
N GLY B 160 1.21 -12.01 0.20
CA GLY B 160 1.98 -11.41 1.32
C GLY B 160 3.53 -11.60 1.10
N LYS B 161 4.22 -10.51 1.28
CA LYS B 161 5.70 -10.57 1.22
C LYS B 161 6.22 -11.47 2.32
N ASP B 162 7.46 -11.98 2.13
CA ASP B 162 7.98 -12.95 3.12
C ASP B 162 7.84 -12.54 4.56
N SER B 163 7.98 -11.25 4.91
CA SER B 163 7.89 -10.90 6.32
C SER B 163 6.44 -10.81 6.85
N THR B 164 5.44 -10.81 5.95
CA THR B 164 3.96 -10.70 6.29
C THR B 164 3.25 -11.62 5.30
N PRO B 165 3.53 -12.91 5.39
CA PRO B 165 3.06 -13.87 4.32
C PRO B 165 1.59 -14.25 4.41
N THR B 166 1.10 -14.70 3.29
CA THR B 166 -0.30 -15.14 3.26
C THR B 166 -0.25 -16.62 3.71
N ALA B 167 -1.16 -16.96 4.63
CA ALA B 167 -1.20 -18.40 5.09
C ALA B 167 -1.71 -19.28 4.00
N ASN B 168 -1.15 -20.52 3.94
CA ASN B 168 -1.69 -21.49 3.05
C ASN B 168 -3.04 -22.03 3.62
N GLY B 169 -3.83 -22.58 2.70
CA GLY B 169 -5.02 -23.32 3.22
C GLY B 169 -6.26 -23.02 2.47
N ILE B 170 -7.40 -23.51 3.01
CA ILE B 170 -8.66 -23.28 2.28
C ILE B 170 -9.39 -22.15 2.99
N TYR B 171 -9.81 -21.18 2.17
CA TYR B 171 -10.49 -20.01 2.75
C TYR B 171 -11.89 -19.99 2.14
N ILE B 172 -12.85 -19.57 2.93
CA ILE B 172 -14.28 -19.52 2.40
C ILE B 172 -14.56 -18.04 2.10
N VAL B 173 -15.10 -17.74 0.92
CA VAL B 173 -15.48 -16.34 0.64
C VAL B 173 -16.52 -15.86 1.57
N GLY B 174 -16.32 -14.64 2.12
CA GLY B 174 -17.25 -13.98 2.97
C GLY B 174 -17.94 -12.84 2.20
N SER B 175 -17.89 -11.65 2.77
CA SER B 175 -18.63 -10.52 2.23
C SER B 175 -17.80 -9.82 1.16
N ARG B 176 -18.47 -8.95 0.39
CA ARG B 176 -17.79 -8.26 -0.65
C ARG B 176 -18.18 -6.78 -0.51
N TYR B 177 -17.29 -5.94 -1.03
CA TYR B 177 -17.44 -4.43 -0.81
C TYR B 177 -16.96 -3.72 -2.06
N LYS B 178 -17.74 -2.77 -2.56
CA LYS B 178 -17.31 -2.07 -3.75
CA LYS B 178 -17.28 -2.11 -3.79
C LYS B 178 -16.11 -1.17 -3.41
N HIS B 179 -16.19 -0.66 -2.21
CA HIS B 179 -15.06 0.23 -1.64
C HIS B 179 -15.10 0.14 -0.14
N ILE B 180 -13.91 -0.06 0.48
CA ILE B 180 -13.86 -0.02 1.93
C ILE B 180 -12.42 0.44 2.30
N ILE B 181 -12.25 0.74 3.58
CA ILE B 181 -10.83 0.99 4.12
C ILE B 181 -10.51 -0.23 4.92
N MET B 182 -9.34 -0.81 4.64
CA MET B 182 -8.78 -1.86 5.53
C MET B 182 -7.80 -1.17 6.47
N ASP B 183 -7.98 -1.38 7.78
CA ASP B 183 -7.13 -0.63 8.75
C ASP B 183 -6.51 -1.74 9.62
N SER B 184 -5.19 -1.77 9.63
CA SER B 184 -4.46 -2.84 10.36
C SER B 184 -4.76 -2.81 11.85
N SER B 185 -5.18 -1.70 12.45
CA SER B 185 -5.44 -1.69 13.89
C SER B 185 -6.67 -2.57 14.22
N THR B 186 -7.49 -2.92 13.24
CA THR B 186 -8.60 -3.89 13.38
C THR B 186 -8.05 -5.26 13.76
N TYR B 187 -6.80 -5.53 13.37
CA TYR B 187 -6.19 -6.87 13.45
C TYR B 187 -5.02 -6.87 14.47
N GLY B 188 -4.96 -5.84 15.31
CA GLY B 188 -3.96 -5.64 16.39
C GLY B 188 -2.55 -5.20 15.91
N VAL B 189 -2.53 -4.51 14.75
CA VAL B 189 -1.27 -3.91 14.20
C VAL B 189 -1.47 -2.37 14.12
N PRO B 190 -0.70 -1.57 14.88
CA PRO B 190 -0.92 -0.12 14.81
C PRO B 190 -0.63 0.39 13.37
N VAL B 191 -1.44 1.33 12.92
CA VAL B 191 -1.26 1.87 11.55
C VAL B 191 0.15 2.52 11.43
N ASN B 192 0.70 3.06 12.55
CA ASN B 192 2.02 3.70 12.50
C ASN B 192 3.25 2.78 12.47
N SER B 193 3.00 1.48 12.63
CA SER B 193 4.06 0.45 12.83
C SER B 193 4.48 -0.13 11.48
N PRO B 194 5.60 -0.85 11.42
CA PRO B 194 6.17 -1.28 10.11
C PRO B 194 5.17 -2.08 9.30
N ASN B 195 4.34 -2.89 9.96
CA ASN B 195 3.41 -3.72 9.22
C ASN B 195 2.02 -3.11 9.15
N GLY B 196 1.93 -1.83 9.45
CA GLY B 196 0.61 -1.09 9.62
C GLY B 196 0.12 -0.52 8.30
N TYR B 197 -1.19 -0.36 8.19
CA TYR B 197 -1.73 0.21 6.94
C TYR B 197 -3.11 0.80 7.26
N ARG B 198 -3.53 1.73 6.43
CA ARG B 198 -4.91 2.23 6.52
C ARG B 198 -5.23 2.54 5.04
N THR B 199 -5.81 1.56 4.35
CA THR B 199 -5.81 1.56 2.90
C THR B 199 -7.21 1.52 2.28
N ASP B 200 -7.48 2.51 1.44
CA ASP B 200 -8.73 2.47 0.59
C ASP B 200 -8.58 1.45 -0.51
N VAL B 201 -9.52 0.48 -0.61
CA VAL B 201 -9.43 -0.44 -1.73
C VAL B 201 -10.84 -0.57 -2.44
N ASP B 202 -10.80 -0.87 -3.73
CA ASP B 202 -12.02 -1.18 -4.51
C ASP B 202 -12.14 -2.67 -4.67
N TRP B 203 -13.39 -3.07 -4.85
CA TRP B 203 -13.67 -4.48 -5.30
C TRP B 203 -13.01 -5.48 -4.40
N ALA B 204 -13.40 -5.41 -3.12
CA ALA B 204 -12.72 -6.20 -2.05
C ALA B 204 -13.61 -7.35 -1.69
N THR B 205 -13.08 -8.56 -1.81
CA THR B 205 -13.88 -9.74 -1.33
C THR B 205 -13.12 -10.31 -0.10
N GLN B 206 -13.80 -10.38 1.04
CA GLN B 206 -13.17 -10.89 2.27
C GLN B 206 -13.06 -12.44 2.16
N ILE B 207 -11.90 -13.01 2.53
CA ILE B 207 -11.73 -14.48 2.55
C ILE B 207 -11.24 -15.02 3.88
N SER B 208 -10.84 -14.14 4.80
CA SER B 208 -10.62 -14.54 6.20
C SER B 208 -11.01 -13.45 7.19
N TYR B 209 -11.45 -13.86 8.39
CA TYR B 209 -11.65 -12.90 9.48
C TYR B 209 -10.30 -12.30 9.93
N SER B 210 -9.21 -12.99 9.60
CA SER B 210 -7.88 -12.44 9.99
C SER B 210 -7.49 -11.26 9.10
N GLY B 211 -8.30 -10.97 8.06
CA GLY B 211 -8.17 -9.77 7.26
C GLY B 211 -7.53 -10.01 5.90
N VAL B 212 -7.64 -11.20 5.34
CA VAL B 212 -7.21 -11.42 3.94
C VAL B 212 -8.42 -11.15 3.02
N PHE B 213 -8.21 -10.34 2.01
CA PHE B 213 -9.15 -10.10 0.93
C PHE B 213 -8.49 -10.39 -0.40
N VAL B 214 -9.30 -10.66 -1.40
CA VAL B 214 -8.92 -10.51 -2.79
C VAL B 214 -9.41 -9.13 -3.21
N HIS B 215 -8.51 -8.25 -3.68
CA HIS B 215 -9.07 -6.87 -3.95
C HIS B 215 -8.21 -6.18 -5.02
N SER B 216 -8.74 -5.06 -5.52
CA SER B 216 -8.07 -4.30 -6.62
C SER B 216 -6.77 -3.70 -6.00
N ALA B 217 -5.65 -3.86 -6.70
CA ALA B 217 -4.36 -3.25 -6.20
C ALA B 217 -3.69 -2.66 -7.39
N PRO B 218 -4.16 -1.48 -7.83
CA PRO B 218 -3.46 -0.89 -8.96
C PRO B 218 -1.97 -0.61 -8.66
N TRP B 219 -1.68 -0.44 -7.36
CA TRP B 219 -0.27 -0.11 -6.91
C TRP B 219 0.69 -1.31 -6.97
N SER B 220 0.18 -2.51 -7.25
CA SER B 220 1.09 -3.64 -7.34
C SER B 220 0.93 -4.37 -8.70
N VAL B 221 0.40 -3.70 -9.76
CA VAL B 221 0.20 -4.38 -11.01
C VAL B 221 1.53 -4.87 -11.60
N GLY B 222 2.63 -4.10 -11.42
CA GLY B 222 4.00 -4.54 -11.84
C GLY B 222 4.37 -5.87 -11.19
N ALA B 223 4.15 -5.92 -9.88
CA ALA B 223 4.61 -7.06 -9.09
C ALA B 223 3.72 -8.25 -9.27
N GLN B 224 2.44 -8.04 -9.61
CA GLN B 224 1.50 -9.20 -9.70
C GLN B 224 1.99 -10.21 -10.74
N GLY B 225 1.96 -11.50 -10.37
CA GLY B 225 2.48 -12.56 -11.23
C GLY B 225 3.98 -12.73 -11.09
N HIS B 226 4.70 -11.90 -10.30
CA HIS B 226 6.13 -12.03 -10.14
C HIS B 226 6.59 -12.03 -8.72
N THR B 227 6.12 -11.08 -7.87
CA THR B 227 6.75 -10.86 -6.57
C THR B 227 5.68 -10.54 -5.55
N ASN B 228 5.80 -11.13 -4.38
CA ASN B 228 4.81 -10.83 -3.33
C ASN B 228 5.15 -9.51 -2.64
N THR B 229 4.16 -8.66 -2.47
CA THR B 229 4.40 -7.31 -1.93
C THR B 229 3.38 -6.90 -0.88
N SER B 230 2.39 -7.73 -0.57
CA SER B 230 1.31 -7.29 0.28
C SER B 230 1.49 -7.64 1.74
N HIS B 231 0.50 -7.26 2.56
CA HIS B 231 0.56 -7.61 3.97
C HIS B 231 -0.13 -8.96 4.21
N GLY B 232 -0.57 -9.56 3.11
CA GLY B 232 -1.24 -10.86 3.27
C GLY B 232 -2.40 -11.01 2.31
N CYS B 233 -2.95 -9.88 1.88
CA CYS B 233 -4.08 -9.91 0.91
C CYS B 233 -3.64 -10.47 -0.43
N LEU B 234 -4.60 -10.94 -1.23
CA LEU B 234 -4.30 -11.35 -2.62
C LEU B 234 -4.59 -10.13 -3.54
N ASN B 235 -3.50 -9.34 -3.83
CA ASN B 235 -3.63 -8.22 -4.74
C ASN B 235 -3.78 -8.71 -6.17
N VAL B 236 -4.82 -8.23 -6.85
CA VAL B 236 -4.99 -8.49 -8.30
C VAL B 236 -5.26 -7.16 -9.02
N SER B 237 -5.37 -7.21 -10.34
CA SER B 237 -5.56 -5.96 -11.11
C SER B 237 -6.97 -5.44 -10.85
N PRO B 238 -7.22 -4.15 -11.13
CA PRO B 238 -8.57 -3.59 -10.89
C PRO B 238 -9.66 -4.37 -11.69
N SER B 239 -9.37 -4.74 -12.94
CA SER B 239 -10.39 -5.45 -13.75
CA SER B 239 -10.35 -5.46 -13.77
C SER B 239 -10.61 -6.88 -13.24
N ASN B 240 -9.53 -7.55 -12.83
CA ASN B 240 -9.66 -8.90 -12.23
C ASN B 240 -10.35 -8.85 -10.90
N ALA B 241 -10.06 -7.83 -10.07
CA ALA B 241 -10.82 -7.79 -8.80
C ALA B 241 -12.29 -7.52 -9.00
N GLN B 242 -12.58 -6.61 -9.92
CA GLN B 242 -14.00 -6.36 -10.21
C GLN B 242 -14.68 -7.68 -10.79
N TRP B 243 -13.96 -8.45 -11.56
CA TRP B 243 -14.51 -9.70 -12.09
C TRP B 243 -14.77 -10.62 -10.95
N PHE B 244 -13.81 -10.74 -10.03
CA PHE B 244 -14.01 -11.66 -8.88
C PHE B 244 -15.19 -11.21 -8.03
N TYR B 245 -15.29 -9.90 -7.77
CA TYR B 245 -16.39 -9.34 -7.01
C TYR B 245 -17.77 -9.66 -7.68
N ASP B 246 -17.80 -9.60 -8.98
CA ASP B 246 -19.07 -9.77 -9.74
C ASP B 246 -19.43 -11.28 -9.81
N HIS B 247 -18.44 -12.18 -9.80
CA HIS B 247 -18.71 -13.61 -10.14
C HIS B 247 -18.65 -14.58 -8.97
N VAL B 248 -17.93 -14.21 -7.92
CA VAL B 248 -17.77 -15.10 -6.76
C VAL B 248 -18.86 -14.74 -5.76
N LYS B 249 -19.37 -15.76 -5.00
CA LYS B 249 -20.36 -15.53 -3.95
C LYS B 249 -19.95 -16.11 -2.61
N ARG B 250 -20.66 -15.72 -1.57
CA ARG B 250 -20.42 -16.22 -0.22
C ARG B 250 -20.39 -17.75 -0.28
N GLY B 251 -19.35 -18.31 0.30
CA GLY B 251 -19.23 -19.77 0.33
C GLY B 251 -18.42 -20.37 -0.79
N ASP B 252 -18.07 -19.61 -1.80
CA ASP B 252 -17.11 -20.11 -2.78
C ASP B 252 -15.73 -20.20 -2.07
N ILE B 253 -14.82 -20.87 -2.71
CA ILE B 253 -13.59 -21.29 -2.04
C ILE B 253 -12.36 -20.63 -2.73
N VAL B 254 -11.42 -20.14 -1.87
CA VAL B 254 -10.09 -19.77 -2.38
C VAL B 254 -9.08 -20.66 -1.65
N GLU B 255 -8.22 -21.38 -2.41
CA GLU B 255 -7.22 -22.21 -1.72
C GLU B 255 -5.84 -21.59 -2.05
N VAL B 256 -5.07 -21.30 -1.01
CA VAL B 256 -3.73 -20.80 -1.18
C VAL B 256 -2.77 -21.99 -1.03
N VAL B 257 -1.80 -22.09 -1.93
CA VAL B 257 -0.77 -23.22 -1.85
C VAL B 257 0.65 -22.69 -2.08
N ASN B 258 1.60 -23.31 -1.39
CA ASN B 258 3.03 -23.14 -1.67
C ASN B 258 3.61 -21.80 -1.19
N THR B 259 2.94 -21.06 -0.31
CA THR B 259 3.59 -19.88 0.28
C THR B 259 4.52 -20.24 1.39
N VAL B 260 5.27 -19.27 1.86
CA VAL B 260 6.14 -19.47 3.02
C VAL B 260 5.41 -19.31 4.32
N GLY B 261 4.06 -19.15 4.34
CA GLY B 261 3.42 -18.90 5.61
C GLY B 261 3.02 -20.29 6.15
N GLY B 262 2.30 -20.21 7.23
CA GLY B 262 1.68 -21.40 7.87
C GLY B 262 0.34 -21.74 7.19
N THR B 263 -0.56 -22.37 7.97
CA THR B 263 -1.93 -22.66 7.49
C THR B 263 -2.92 -21.77 8.24
N LEU B 264 -3.99 -21.36 7.52
CA LEU B 264 -5.01 -20.50 8.12
C LEU B 264 -5.67 -21.31 9.27
N PRO B 265 -5.86 -20.72 10.44
CA PRO B 265 -6.43 -21.45 11.59
C PRO B 265 -7.85 -21.92 11.29
N GLY B 266 -8.16 -23.16 11.68
CA GLY B 266 -9.50 -23.71 11.48
C GLY B 266 -10.60 -22.90 12.12
N ILE B 267 -10.28 -22.15 13.20
CA ILE B 267 -11.26 -21.37 13.92
C ILE B 267 -11.23 -19.91 13.51
N ASP B 268 -10.66 -19.63 12.33
CA ASP B 268 -10.58 -18.22 11.88
C ASP B 268 -11.99 -17.51 11.85
N GLY B 269 -12.95 -18.27 11.38
CA GLY B 269 -14.28 -17.73 10.96
C GLY B 269 -14.57 -18.09 9.57
N LEU B 270 -13.56 -18.15 8.68
CA LEU B 270 -13.72 -18.63 7.33
C LEU B 270 -12.72 -19.78 7.01
N GLY B 271 -12.14 -20.38 8.06
CA GLY B 271 -11.04 -21.39 7.85
C GLY B 271 -11.51 -22.77 8.24
N ASP B 272 -12.85 -22.94 8.29
CA ASP B 272 -13.44 -24.30 8.74
C ASP B 272 -12.88 -25.52 8.03
N TRP B 273 -12.57 -25.48 6.74
CA TRP B 273 -12.19 -26.63 5.97
C TRP B 273 -10.74 -27.07 6.31
N ASN B 274 -10.07 -26.24 7.05
CA ASN B 274 -8.61 -26.63 7.38
C ASN B 274 -8.58 -27.59 8.59
N ILE B 275 -9.73 -27.80 9.21
CA ILE B 275 -9.83 -28.73 10.36
C ILE B 275 -10.05 -30.09 9.74
N PRO B 276 -9.14 -31.05 9.97
CA PRO B 276 -9.38 -32.34 9.30
C PRO B 276 -10.74 -33.00 9.75
N TRP B 277 -11.31 -33.82 8.88
CA TRP B 277 -12.66 -34.36 9.11
C TRP B 277 -12.75 -35.14 10.43
N ASP B 278 -11.78 -36.06 10.68
CA ASP B 278 -11.79 -36.79 12.00
C ASP B 278 -11.92 -35.90 13.16
N GLN B 279 -11.19 -34.79 13.14
CA GLN B 279 -11.24 -33.85 14.26
C GLN B 279 -12.62 -33.10 14.31
N TRP B 280 -13.03 -32.61 13.15
CA TRP B 280 -14.31 -31.88 13.08
C TRP B 280 -15.50 -32.77 13.54
N ARG B 281 -15.60 -33.94 12.93
CA ARG B 281 -16.63 -34.99 13.24
C ARG B 281 -16.68 -35.33 14.72
N ALA B 282 -15.49 -35.53 15.32
CA ALA B 282 -15.39 -35.81 16.74
C ALA B 282 -15.96 -34.65 17.55
N GLY B 283 -15.96 -33.45 16.97
CA GLY B 283 -16.54 -32.35 17.68
C GLY B 283 -15.83 -31.78 18.86
N ASN B 284 -16.43 -30.80 19.52
CA ASN B 284 -15.92 -30.21 20.78
C ASN B 284 -16.98 -29.75 21.72
N ALA B 285 -18.02 -30.58 21.83
CA ALA B 285 -19.14 -30.21 22.69
C ALA B 285 -18.69 -30.27 24.19
N LYS B 286 -17.62 -31.06 24.42
CA LYS B 286 -16.91 -31.34 25.73
C LYS B 286 -17.72 -32.32 26.54
#